data_6D20
#
_entry.id   6D20
#
_cell.length_a   113.940
_cell.length_b   45.810
_cell.length_c   79.490
_cell.angle_alpha   90.000
_cell.angle_beta   127.040
_cell.angle_gamma   90.000
#
_symmetry.space_group_name_H-M   'C 1 2 1'
#
loop_
_entity.id
_entity.type
_entity.pdbx_description
1 polymer 'High affinity nerve growth factor receptor'
2 non-polymer 5-(4-fluorophenyl)thieno[2,3-d]pyrimidin-4(3H)-one
3 non-polymer 5-{[2,4-dichloro-5-(pyridin-2-yl)benzene-1-carbonyl]amino}-N-(2-hydroxy-2-methylpropyl)-1-phenyl-1H-pyrazole-3-carboxamide
4 water water
#
_entity_poly.entity_id   1
_entity_poly.type   'polypeptide(L)'
_entity_poly.pdbx_seq_one_letter_code
;GSTEGKGSGLQGHIIENPQYFSDACVHHIKRRDIVLKWELGEGAFGKVFLAECHNLLPEQDKMLVAVKALKEASESARQD
FQREAELLTMLQHQHIVRFFGVCTEGRPLLMVFEYMRHGDLNRFLRSHGPDAKLLAGGEDVAPGPLGLGQLLAVASQVAA
GMVYLAGLHFVHRDLATRNCLVGQGLVVKIGDFGMSRDIYSTDYYRVGGRTMLPIRWMPPESILYRKFTTESDVWSFGVV
LWEIFTYGKQPWYQLSNTEAIDCITQGRELERPRACPPEVYAIMRGCWQREPQQRHSIKDVHARLQALAQAPPVYLDVLG
;
_entity_poly.pdbx_strand_id   A
#
loop_
_chem_comp.id
_chem_comp.type
_chem_comp.name
_chem_comp.formula
FQD non-polymer 5-(4-fluorophenyl)thieno[2,3-d]pyrimidin-4(3H)-one 'C12 H7 F N2 O S'
FQG non-polymer 5-{[2,4-dichloro-5-(pyridin-2-yl)benzene-1-carbonyl]amino}-N-(2-hydroxy-2-methylpropyl)-1-phenyl-1H-pyrazole-3-carboxamide 'C26 H23 Cl2 N5 O3'
#
# COMPACT_ATOMS: atom_id res chain seq x y z
N LYS A 6 0.24 18.49 -3.46
CA LYS A 6 0.60 17.08 -3.56
C LYS A 6 0.78 16.48 -2.15
N GLY A 7 0.05 15.38 -1.91
CA GLY A 7 0.01 14.69 -0.63
C GLY A 7 0.38 13.21 -0.62
N SER A 8 1.36 12.79 -1.46
CA SER A 8 1.85 11.41 -1.41
C SER A 8 2.77 11.28 -0.19
N GLY A 9 2.96 10.05 0.30
CA GLY A 9 3.92 9.82 1.39
C GLY A 9 5.32 10.16 0.95
N LEU A 10 5.67 9.93 -0.32
CA LEU A 10 7.01 10.25 -0.86
C LEU A 10 7.29 11.75 -0.74
N GLN A 11 6.34 12.60 -1.21
CA GLN A 11 6.49 14.06 -1.12
C GLN A 11 6.48 14.53 0.32
N GLY A 12 5.62 13.96 1.15
CA GLY A 12 5.57 14.28 2.58
C GLY A 12 6.91 14.00 3.25
N HIS A 13 7.60 12.91 2.87
CA HIS A 13 8.90 12.58 3.46
C HIS A 13 9.99 13.54 2.95
N ILE A 14 9.95 13.87 1.65
CA ILE A 14 10.89 14.82 1.02
C ILE A 14 10.81 16.18 1.71
N ILE A 15 9.59 16.70 1.87
CA ILE A 15 9.37 17.98 2.57
C ILE A 15 9.93 17.94 4.01
N GLU A 16 9.77 16.81 4.74
CA GLU A 16 10.27 16.67 6.12
C GLU A 16 11.76 16.30 6.22
N ASN A 17 12.38 15.86 5.09
CA ASN A 17 13.79 15.48 5.05
C ASN A 17 14.52 16.15 3.88
N ALA A 24 21.36 9.92 -3.52
CA ALA A 24 21.04 8.84 -4.44
C ALA A 24 21.54 9.14 -5.85
N CYS A 25 22.13 8.12 -6.50
CA CYS A 25 22.48 8.22 -7.89
C CYS A 25 21.38 7.41 -8.55
N VAL A 26 20.35 8.11 -9.05
CA VAL A 26 19.20 7.52 -9.73
C VAL A 26 19.72 6.81 -10.98
N HIS A 27 19.28 5.57 -11.22
CA HIS A 27 19.71 4.87 -12.42
C HIS A 27 18.87 5.38 -13.60
N HIS A 28 19.53 5.69 -14.74
CA HIS A 28 18.83 6.14 -15.95
C HIS A 28 18.76 5.01 -16.96
N ILE A 29 17.57 4.71 -17.45
CA ILE A 29 17.33 3.63 -18.41
C ILE A 29 17.08 4.27 -19.75
N LYS A 30 17.74 3.76 -20.81
CA LYS A 30 17.58 4.25 -22.17
C LYS A 30 16.16 3.92 -22.63
N ARG A 31 15.49 4.88 -23.29
CA ARG A 31 14.15 4.66 -23.82
C ARG A 31 14.06 3.39 -24.67
N ARG A 32 15.05 3.12 -25.54
CA ARG A 32 14.97 1.95 -26.43
C ARG A 32 15.20 0.61 -25.75
N ASP A 33 15.63 0.63 -24.48
CA ASP A 33 15.72 -0.58 -23.68
C ASP A 33 14.33 -0.99 -23.13
N ILE A 34 13.35 -0.08 -23.14
CA ILE A 34 11.97 -0.27 -22.66
C ILE A 34 11.05 -0.58 -23.85
N VAL A 35 10.32 -1.69 -23.79
CA VAL A 35 9.37 -2.08 -24.85
C VAL A 35 7.98 -2.17 -24.22
N LEU A 36 7.14 -1.17 -24.48
CA LEU A 36 5.80 -1.13 -23.88
C LEU A 36 4.92 -2.25 -24.46
N LYS A 37 4.27 -3.05 -23.58
CA LYS A 37 3.50 -4.23 -23.94
C LYS A 37 1.99 -4.11 -23.77
N TRP A 38 1.49 -3.36 -22.76
CA TRP A 38 0.07 -3.24 -22.46
C TRP A 38 -0.11 -2.14 -21.42
N GLU A 39 -1.30 -1.55 -21.34
CA GLU A 39 -1.62 -0.55 -20.34
C GLU A 39 -2.19 -1.26 -19.12
N LEU A 40 -1.60 -1.03 -17.93
CA LEU A 40 -2.07 -1.64 -16.67
C LEU A 40 -3.10 -0.76 -15.98
N GLY A 41 -2.98 0.55 -16.16
CA GLY A 41 -3.93 1.48 -15.57
C GLY A 41 -3.66 2.90 -16.00
N GLU A 42 -4.56 3.79 -15.62
CA GLU A 42 -4.40 5.19 -15.96
C GLU A 42 -5.06 6.09 -14.97
N GLY A 43 -4.52 7.29 -14.86
CA GLY A 43 -5.03 8.29 -13.94
C GLY A 43 -4.93 9.66 -14.57
N ALA A 44 -5.31 10.70 -13.80
CA ALA A 44 -5.22 12.10 -14.19
C ALA A 44 -3.75 12.51 -14.47
N PHE A 45 -2.78 11.94 -13.72
CA PHE A 45 -1.32 12.16 -13.80
C PHE A 45 -0.69 11.49 -15.04
N GLY A 46 -1.32 10.45 -15.59
CA GLY A 46 -0.71 9.70 -16.69
C GLY A 46 -1.13 8.25 -16.74
N LYS A 47 -0.19 7.36 -17.17
CA LYS A 47 -0.50 5.95 -17.36
C LYS A 47 0.54 5.02 -16.75
N VAL A 48 0.12 3.75 -16.51
CA VAL A 48 1.02 2.72 -16.01
C VAL A 48 0.97 1.58 -17.02
N PHE A 49 2.15 1.17 -17.49
CA PHE A 49 2.26 0.13 -18.52
C PHE A 49 2.98 -1.09 -18.03
N LEU A 50 2.69 -2.23 -18.66
CA LEU A 50 3.45 -3.44 -18.53
C LEU A 50 4.47 -3.29 -19.66
N ALA A 51 5.75 -3.58 -19.39
CA ALA A 51 6.79 -3.46 -20.39
C ALA A 51 7.86 -4.52 -20.21
N GLU A 52 8.67 -4.70 -21.24
CA GLU A 52 9.87 -5.55 -21.19
C GLU A 52 11.06 -4.58 -21.11
N CYS A 53 12.00 -4.85 -20.23
CA CYS A 53 13.15 -3.97 -20.11
C CYS A 53 14.45 -4.77 -20.32
N HIS A 54 15.26 -4.31 -21.30
CA HIS A 54 16.56 -4.91 -21.61
C HIS A 54 17.65 -4.25 -20.81
N ASN A 55 18.78 -4.96 -20.60
CA ASN A 55 19.97 -4.45 -19.90
C ASN A 55 19.71 -3.91 -18.51
N LEU A 56 18.79 -4.55 -17.77
CA LEU A 56 18.47 -4.14 -16.40
C LEU A 56 18.96 -5.19 -15.39
N LEU A 57 18.46 -6.44 -15.49
CA LEU A 57 18.92 -7.50 -14.59
C LEU A 57 19.86 -8.42 -15.32
N PRO A 58 20.98 -8.83 -14.64
CA PRO A 58 22.02 -9.64 -15.29
C PRO A 58 21.60 -10.85 -16.12
N GLU A 59 20.85 -11.80 -15.57
CA GLU A 59 20.53 -12.98 -16.38
C GLU A 59 19.22 -12.86 -17.18
N GLN A 60 18.63 -11.66 -17.25
CA GLN A 60 17.34 -11.44 -17.89
C GLN A 60 17.37 -10.43 -19.03
N ASP A 61 17.06 -10.90 -20.24
CA ASP A 61 17.08 -10.10 -21.46
C ASP A 61 15.75 -9.35 -21.71
N LYS A 62 14.60 -9.97 -21.42
CA LYS A 62 13.27 -9.36 -21.63
C LYS A 62 12.46 -9.43 -20.31
N MET A 63 13.01 -8.88 -19.23
CA MET A 63 12.31 -8.93 -17.95
C MET A 63 11.11 -7.99 -17.92
N LEU A 64 10.03 -8.48 -17.30
CA LEU A 64 8.80 -7.67 -17.17
C LEU A 64 8.98 -6.64 -16.10
N VAL A 65 8.53 -5.43 -16.38
CA VAL A 65 8.56 -4.28 -15.48
C VAL A 65 7.23 -3.56 -15.57
N ALA A 66 6.92 -2.74 -14.55
CA ALA A 66 5.77 -1.84 -14.58
C ALA A 66 6.33 -0.43 -14.77
N VAL A 67 5.82 0.33 -15.77
CA VAL A 67 6.32 1.66 -16.11
C VAL A 67 5.28 2.73 -15.84
N LYS A 68 5.57 3.64 -14.89
CA LYS A 68 4.71 4.77 -14.57
C LYS A 68 5.11 5.92 -15.52
N ALA A 69 4.17 6.45 -16.30
CA ALA A 69 4.46 7.53 -17.23
C ALA A 69 3.72 8.79 -16.80
N LEU A 70 4.44 9.89 -16.66
CA LEU A 70 3.87 11.18 -16.26
C LEU A 70 3.41 11.98 -17.47
N LYS A 71 2.16 12.48 -17.47
CA LYS A 71 1.62 13.30 -18.56
C LYS A 71 2.34 14.67 -18.61
N GLU A 72 2.55 15.32 -17.44
CA GLU A 72 3.20 16.64 -17.32
C GLU A 72 4.74 16.59 -17.38
N ALA A 73 5.36 17.58 -18.05
CA ALA A 73 6.82 17.64 -18.15
C ALA A 73 7.42 19.03 -17.86
N SER A 74 6.62 19.91 -17.20
CA SER A 74 7.00 21.26 -16.77
C SER A 74 8.18 21.22 -15.80
N GLU A 75 8.84 22.37 -15.54
CA GLU A 75 9.99 22.44 -14.61
C GLU A 75 9.63 21.99 -13.19
N SER A 76 8.47 22.40 -12.64
CA SER A 76 8.06 21.99 -11.29
C SER A 76 7.81 20.47 -11.15
N ALA A 77 7.14 19.85 -12.15
CA ALA A 77 6.84 18.42 -12.12
C ALA A 77 8.12 17.63 -12.31
N ARG A 78 9.06 18.17 -13.12
CA ARG A 78 10.36 17.57 -13.39
C ARG A 78 11.25 17.57 -12.13
N GLN A 79 11.20 18.65 -11.32
CA GLN A 79 11.99 18.73 -10.08
C GLN A 79 11.41 17.82 -9.01
N ASP A 80 10.05 17.76 -8.91
CA ASP A 80 9.34 16.87 -7.96
C ASP A 80 9.62 15.39 -8.33
N PHE A 81 9.58 15.07 -9.63
CA PHE A 81 9.92 13.74 -10.17
C PHE A 81 11.34 13.30 -9.74
N GLN A 82 12.33 14.21 -9.87
CA GLN A 82 13.71 13.91 -9.51
C GLN A 82 13.85 13.56 -8.04
N ARG A 83 13.24 14.35 -7.15
CA ARG A 83 13.30 14.14 -5.71
C ARG A 83 12.62 12.83 -5.29
N GLU A 84 11.47 12.51 -5.92
CA GLU A 84 10.78 11.22 -5.70
C GLU A 84 11.67 10.07 -6.13
N ALA A 85 12.33 10.18 -7.30
CA ALA A 85 13.20 9.13 -7.83
C ALA A 85 14.42 8.94 -6.92
N GLU A 86 14.98 10.03 -6.35
CA GLU A 86 16.11 9.88 -5.39
C GLU A 86 15.65 9.11 -4.15
N LEU A 87 14.45 9.41 -3.66
CA LEU A 87 13.93 8.72 -2.48
C LEU A 87 13.58 7.25 -2.79
N LEU A 88 12.88 7.00 -3.93
CA LEU A 88 12.55 5.62 -4.35
C LEU A 88 13.81 4.77 -4.49
N THR A 89 14.92 5.38 -4.96
CA THR A 89 16.21 4.68 -5.13
C THR A 89 16.73 4.20 -3.74
N MET A 90 16.56 5.01 -2.69
CA MET A 90 17.00 4.75 -1.31
C MET A 90 16.19 3.71 -0.56
N LEU A 91 14.90 3.55 -0.90
CA LEU A 91 14.02 2.57 -0.25
C LEU A 91 14.38 1.20 -0.80
N GLN A 92 14.96 0.34 0.07
CA GLN A 92 15.45 -1.00 -0.31
C GLN A 92 15.10 -1.95 0.78
N HIS A 93 14.08 -2.78 0.56
CA HIS A 93 13.63 -3.75 1.57
C HIS A 93 12.93 -4.86 0.83
N GLN A 94 13.00 -6.08 1.38
CA GLN A 94 12.37 -7.28 0.88
C GLN A 94 10.85 -7.10 0.69
N HIS A 95 10.20 -6.18 1.45
CA HIS A 95 8.74 -5.99 1.39
C HIS A 95 8.32 -4.58 0.94
N ILE A 96 9.19 -3.97 0.17
CA ILE A 96 8.99 -2.68 -0.51
C ILE A 96 9.20 -2.97 -2.00
N VAL A 97 8.23 -2.56 -2.84
CA VAL A 97 8.29 -2.76 -4.31
C VAL A 97 9.60 -2.19 -4.87
N ARG A 98 10.31 -2.98 -5.69
CA ARG A 98 11.59 -2.58 -6.24
C ARG A 98 11.44 -1.50 -7.28
N PHE A 99 12.27 -0.46 -7.14
CA PHE A 99 12.33 0.65 -8.09
C PHE A 99 13.65 0.50 -8.88
N PHE A 100 13.58 0.48 -10.21
CA PHE A 100 14.76 0.25 -11.03
C PHE A 100 15.40 1.47 -11.68
N GLY A 101 14.67 2.56 -11.76
CA GLY A 101 15.21 3.76 -12.37
C GLY A 101 14.23 4.59 -13.18
N VAL A 102 14.75 5.56 -13.92
CA VAL A 102 13.95 6.52 -14.67
C VAL A 102 14.36 6.58 -16.13
N CYS A 103 13.50 7.18 -16.94
CA CYS A 103 13.84 7.54 -18.31
C CYS A 103 13.31 8.94 -18.49
N THR A 104 14.24 9.92 -18.54
CA THR A 104 13.87 11.32 -18.67
C THR A 104 14.25 11.88 -20.06
N GLU A 105 14.20 11.05 -21.10
CA GLU A 105 14.45 11.48 -22.49
C GLU A 105 13.17 12.14 -23.04
N GLY A 106 12.85 13.32 -22.54
CA GLY A 106 11.65 14.03 -22.98
C GLY A 106 10.35 13.41 -22.48
N ARG A 107 9.21 13.96 -22.94
CA ARG A 107 7.88 13.57 -22.58
C ARG A 107 7.42 12.21 -23.16
N PRO A 108 6.80 11.32 -22.33
CA PRO A 108 6.52 11.45 -20.90
C PRO A 108 7.70 11.00 -20.04
N LEU A 109 7.85 11.56 -18.83
CA LEU A 109 8.89 11.11 -17.89
C LEU A 109 8.48 9.71 -17.43
N LEU A 110 9.42 8.76 -17.35
CA LEU A 110 9.09 7.38 -16.97
C LEU A 110 9.81 6.91 -15.70
N MET A 111 9.10 6.17 -14.82
CA MET A 111 9.64 5.54 -13.62
C MET A 111 9.39 4.06 -13.81
N VAL A 112 10.46 3.26 -13.65
CA VAL A 112 10.42 1.82 -13.88
C VAL A 112 10.48 1.04 -12.57
N PHE A 113 9.49 0.17 -12.37
CA PHE A 113 9.36 -0.66 -11.17
C PHE A 113 9.31 -2.13 -11.56
N GLU A 114 9.48 -3.04 -10.58
CA GLU A 114 9.32 -4.46 -10.84
C GLU A 114 7.85 -4.76 -11.16
N TYR A 115 7.60 -5.77 -12.00
CA TYR A 115 6.19 -6.11 -12.28
C TYR A 115 5.77 -7.18 -11.27
N MET A 116 4.64 -6.95 -10.58
CA MET A 116 4.11 -7.84 -9.57
C MET A 116 2.90 -8.52 -10.23
N ARG A 117 3.08 -9.76 -10.66
CA ARG A 117 2.12 -10.48 -11.50
C ARG A 117 0.71 -10.68 -10.90
N HIS A 118 0.55 -10.66 -9.56
CA HIS A 118 -0.80 -10.84 -9.01
C HIS A 118 -1.54 -9.50 -8.75
N GLY A 119 -0.94 -8.39 -9.15
CA GLY A 119 -1.54 -7.06 -9.02
C GLY A 119 -1.67 -6.58 -7.59
N ASP A 120 -2.51 -5.57 -7.35
CA ASP A 120 -2.65 -5.04 -6.00
C ASP A 120 -3.29 -6.04 -5.04
N LEU A 121 -2.95 -5.94 -3.77
CA LEU A 121 -3.43 -6.88 -2.74
C LEU A 121 -4.95 -6.86 -2.59
N ASN A 122 -5.59 -5.71 -2.83
CA ASN A 122 -7.06 -5.69 -2.69
C ASN A 122 -7.68 -6.59 -3.73
N ARG A 123 -7.26 -6.40 -5.00
CA ARG A 123 -7.70 -7.20 -6.15
C ARG A 123 -7.41 -8.69 -5.93
N PHE A 124 -6.20 -9.02 -5.39
CA PHE A 124 -5.79 -10.37 -5.05
C PHE A 124 -6.68 -11.00 -3.98
N LEU A 125 -6.92 -10.30 -2.87
CA LEU A 125 -7.81 -10.81 -1.80
C LEU A 125 -9.23 -11.10 -2.32
N ARG A 126 -9.79 -10.17 -3.12
CA ARG A 126 -11.13 -10.33 -3.70
C ARG A 126 -11.18 -11.53 -4.67
N SER A 127 -10.13 -11.76 -5.48
CA SER A 127 -10.08 -12.86 -6.46
C SER A 127 -9.75 -14.23 -5.83
N HIS A 128 -9.30 -14.25 -4.55
CA HIS A 128 -8.93 -15.46 -3.81
C HIS A 128 -9.76 -15.55 -2.54
N GLY A 129 -10.95 -15.00 -2.62
CA GLY A 129 -11.91 -14.95 -1.53
C GLY A 129 -13.11 -15.86 -1.74
N PRO A 130 -13.99 -15.93 -0.71
CA PRO A 130 -15.17 -16.83 -0.78
C PRO A 130 -16.23 -16.40 -1.79
N ASP A 131 -16.81 -15.21 -1.62
CA ASP A 131 -17.80 -14.72 -2.58
C ASP A 131 -17.08 -14.06 -3.75
N ALA A 132 -16.39 -14.92 -4.54
CA ALA A 132 -15.59 -14.70 -5.76
C ALA A 132 -14.11 -14.94 -5.54
N GLY A 144 -8.90 -21.51 -5.04
CA GLY A 144 -9.91 -21.45 -3.99
C GLY A 144 -9.64 -20.36 -2.97
N PRO A 145 -10.39 -20.29 -1.84
CA PRO A 145 -10.14 -19.22 -0.87
C PRO A 145 -8.81 -19.38 -0.10
N LEU A 146 -8.15 -18.25 0.18
CA LEU A 146 -6.91 -18.27 0.95
C LEU A 146 -7.20 -18.80 2.35
N GLY A 147 -6.34 -19.64 2.87
CA GLY A 147 -6.50 -20.17 4.21
C GLY A 147 -5.90 -19.26 5.28
N LEU A 148 -6.18 -19.58 6.56
CA LEU A 148 -5.71 -18.80 7.71
C LEU A 148 -4.20 -18.54 7.69
N GLY A 149 -3.40 -19.58 7.43
CA GLY A 149 -1.95 -19.43 7.39
C GLY A 149 -1.47 -18.50 6.30
N GLN A 150 -2.17 -18.51 5.13
CA GLN A 150 -1.81 -17.60 4.03
C GLN A 150 -2.22 -16.17 4.41
N LEU A 151 -3.41 -15.98 5.04
CA LEU A 151 -3.83 -14.62 5.45
C LEU A 151 -2.83 -14.02 6.44
N LEU A 152 -2.36 -14.84 7.40
CA LEU A 152 -1.37 -14.41 8.38
C LEU A 152 -0.04 -14.08 7.74
N ALA A 153 0.39 -14.87 6.73
CA ALA A 153 1.63 -14.57 6.01
C ALA A 153 1.51 -13.23 5.25
N VAL A 154 0.34 -12.93 4.67
CA VAL A 154 0.13 -11.64 3.97
C VAL A 154 0.27 -10.49 5.00
N ALA A 155 -0.42 -10.62 6.16
CA ALA A 155 -0.45 -9.61 7.22
C ALA A 155 0.96 -9.37 7.76
N SER A 156 1.72 -10.45 7.95
CA SER A 156 3.10 -10.35 8.47
C SER A 156 4.04 -9.64 7.52
N GLN A 157 3.87 -9.84 6.20
CA GLN A 157 4.72 -9.20 5.19
C GLN A 157 4.43 -7.71 5.09
N VAL A 158 3.14 -7.34 5.12
CA VAL A 158 2.75 -5.93 5.11
C VAL A 158 3.35 -5.27 6.36
N ALA A 159 3.24 -5.89 7.54
CA ALA A 159 3.80 -5.32 8.77
C ALA A 159 5.31 -5.16 8.68
N ALA A 160 6.04 -6.13 8.03
CA ALA A 160 7.51 -6.04 7.85
C ALA A 160 7.89 -4.79 7.05
N GLY A 161 7.16 -4.54 5.95
CA GLY A 161 7.37 -3.34 5.15
C GLY A 161 7.13 -2.09 5.95
N MET A 162 6.08 -2.08 6.84
CA MET A 162 5.75 -0.91 7.68
C MET A 162 6.81 -0.67 8.77
N VAL A 163 7.42 -1.75 9.29
CA VAL A 163 8.54 -1.68 10.25
C VAL A 163 9.71 -0.96 9.60
N TYR A 164 10.04 -1.31 8.35
CA TYR A 164 11.13 -0.68 7.58
C TYR A 164 10.85 0.82 7.42
N LEU A 165 9.64 1.18 6.95
CA LEU A 165 9.28 2.59 6.77
C LEU A 165 9.32 3.39 8.10
N ALA A 166 8.78 2.83 9.21
CA ALA A 166 8.82 3.50 10.52
C ALA A 166 10.29 3.75 10.97
N GLY A 167 11.17 2.79 10.72
CA GLY A 167 12.60 2.89 11.00
C GLY A 167 13.30 4.05 10.32
N LEU A 168 12.74 4.53 9.16
CA LEU A 168 13.28 5.72 8.44
C LEU A 168 12.47 7.00 8.77
N HIS A 169 11.52 6.88 9.70
CA HIS A 169 10.60 7.97 10.07
C HIS A 169 9.77 8.37 8.82
N PHE A 170 9.48 7.37 7.98
CA PHE A 170 8.67 7.55 6.78
C PHE A 170 7.19 7.28 7.15
N VAL A 171 6.35 8.29 6.95
CA VAL A 171 4.89 8.19 7.15
C VAL A 171 4.26 7.88 5.79
N HIS A 172 3.54 6.75 5.68
CA HIS A 172 2.93 6.31 4.43
C HIS A 172 1.83 7.26 3.94
N ARG A 173 0.87 7.58 4.83
CA ARG A 173 -0.27 8.48 4.62
C ARG A 173 -1.43 7.81 3.91
N ASP A 174 -1.19 6.70 3.20
CA ASP A 174 -2.30 6.03 2.48
C ASP A 174 -2.16 4.48 2.55
N LEU A 175 -1.89 3.97 3.72
CA LEU A 175 -1.72 2.51 3.84
C LEU A 175 -3.07 1.82 3.69
N ALA A 176 -3.17 0.89 2.73
CA ALA A 176 -4.40 0.15 2.44
C ALA A 176 -3.99 -1.02 1.54
N THR A 177 -4.83 -2.06 1.41
CA THR A 177 -4.46 -3.20 0.53
C THR A 177 -4.30 -2.79 -0.93
N ARG A 178 -5.04 -1.76 -1.37
CA ARG A 178 -4.90 -1.25 -2.76
C ARG A 178 -3.45 -0.73 -3.02
N ASN A 179 -2.74 -0.36 -1.95
CA ASN A 179 -1.39 0.22 -2.05
C ASN A 179 -0.30 -0.77 -1.67
N CYS A 180 -0.62 -2.04 -1.81
CA CYS A 180 0.30 -3.17 -1.68
C CYS A 180 0.21 -3.97 -2.95
N LEU A 181 1.27 -4.64 -3.34
CA LEU A 181 1.32 -5.46 -4.56
C LEU A 181 1.74 -6.89 -4.20
N VAL A 182 1.31 -7.84 -5.02
CA VAL A 182 1.54 -9.28 -4.80
C VAL A 182 2.25 -9.87 -6.02
N GLY A 183 3.39 -10.49 -5.78
CA GLY A 183 4.17 -11.13 -6.84
C GLY A 183 4.06 -12.63 -6.67
N GLN A 184 4.82 -13.42 -7.46
CA GLN A 184 4.73 -14.90 -7.35
C GLN A 184 5.22 -15.44 -6.01
N GLY A 185 4.67 -16.58 -5.61
CA GLY A 185 5.01 -17.26 -4.37
C GLY A 185 4.44 -16.57 -3.15
N LEU A 186 3.30 -15.85 -3.33
CA LEU A 186 2.63 -15.08 -2.27
C LEU A 186 3.56 -13.99 -1.68
N VAL A 187 4.47 -13.40 -2.49
CA VAL A 187 5.31 -12.32 -1.92
C VAL A 187 4.48 -11.03 -1.92
N VAL A 188 4.39 -10.36 -0.78
CA VAL A 188 3.55 -9.13 -0.67
C VAL A 188 4.47 -7.96 -0.38
N LYS A 189 4.34 -6.88 -1.10
CA LYS A 189 5.21 -5.72 -0.87
C LYS A 189 4.38 -4.45 -0.82
N ILE A 190 4.85 -3.45 -0.06
CA ILE A 190 4.22 -2.14 -0.01
C ILE A 190 4.76 -1.39 -1.19
N GLY A 191 3.85 -0.78 -1.92
CA GLY A 191 4.25 0.07 -3.04
C GLY A 191 3.08 0.25 -3.95
N ASP A 192 3.08 1.37 -4.67
CA ASP A 192 2.00 1.70 -5.59
C ASP A 192 2.55 2.57 -6.71
N PHE A 193 1.81 2.67 -7.80
CA PHE A 193 2.27 3.45 -8.95
C PHE A 193 1.55 4.80 -9.04
N GLY A 194 1.03 5.25 -7.90
CA GLY A 194 0.43 6.57 -7.73
C GLY A 194 -0.90 6.82 -8.40
N MET A 195 -1.64 5.77 -8.73
CA MET A 195 -2.91 5.91 -9.43
C MET A 195 -4.13 5.50 -8.59
N SER A 196 -3.93 5.19 -7.29
CA SER A 196 -5.04 4.71 -6.45
C SER A 196 -6.22 5.69 -6.33
N ARG A 197 -5.94 6.98 -6.28
CA ARG A 197 -6.98 8.01 -6.22
C ARG A 197 -7.84 8.06 -7.49
N ASP A 198 -7.36 7.46 -8.60
CA ASP A 198 -8.09 7.40 -9.87
C ASP A 198 -8.79 6.02 -10.03
N ILE A 199 -8.04 4.92 -9.89
CA ILE A 199 -8.52 3.53 -10.00
C ILE A 199 -9.49 3.16 -8.88
N TYR A 200 -9.22 3.64 -7.67
CA TYR A 200 -10.02 3.33 -6.49
C TYR A 200 -10.61 4.60 -5.87
N SER A 201 -11.13 5.50 -6.71
CA SER A 201 -11.67 6.79 -6.28
C SER A 201 -12.74 6.62 -5.22
N THR A 202 -13.45 5.47 -5.21
CA THR A 202 -14.49 5.18 -4.22
C THR A 202 -13.94 5.09 -2.80
N ASP A 203 -12.59 4.87 -2.65
CA ASP A 203 -11.93 4.73 -1.35
C ASP A 203 -11.50 6.05 -0.76
N TYR A 204 -11.84 7.15 -1.44
CA TYR A 204 -11.39 8.49 -1.01
C TYR A 204 -12.55 9.44 -0.99
N TYR A 205 -12.45 10.43 -0.13
CA TYR A 205 -13.49 11.43 0.01
C TYR A 205 -12.90 12.80 0.04
N ARG A 206 -13.47 13.70 -0.74
CA ARG A 206 -13.03 15.09 -0.76
C ARG A 206 -13.53 15.81 0.46
N VAL A 207 -12.75 16.76 0.92
CA VAL A 207 -13.20 17.63 1.97
C VAL A 207 -13.00 19.03 1.42
N GLY A 208 -11.75 19.49 1.40
CA GLY A 208 -11.36 20.74 0.78
C GLY A 208 -11.19 20.51 -0.70
N THR A 211 -8.76 17.99 -2.29
CA THR A 211 -7.93 17.01 -1.59
C THR A 211 -8.72 15.72 -1.21
N MET A 212 -8.36 14.59 -1.84
CA MET A 212 -8.99 13.27 -1.67
C MET A 212 -8.34 12.49 -0.51
N LEU A 213 -9.08 12.33 0.59
CA LEU A 213 -8.59 11.65 1.79
C LEU A 213 -9.15 10.24 1.97
N PRO A 214 -8.32 9.23 2.32
CA PRO A 214 -8.83 7.84 2.49
C PRO A 214 -9.44 7.71 3.88
N ILE A 215 -10.54 8.45 4.14
CA ILE A 215 -11.20 8.56 5.45
C ILE A 215 -11.47 7.22 6.16
N ARG A 216 -11.93 6.18 5.42
CA ARG A 216 -12.25 4.87 6.03
C ARG A 216 -11.03 4.21 6.69
N TRP A 217 -9.81 4.62 6.29
CA TRP A 217 -8.55 4.08 6.80
C TRP A 217 -7.89 5.00 7.85
N MET A 218 -8.47 6.17 8.12
CA MET A 218 -7.83 7.19 8.96
C MET A 218 -8.30 7.22 10.41
N PRO A 219 -7.38 7.52 11.36
CA PRO A 219 -7.80 7.67 12.75
C PRO A 219 -8.50 9.02 12.99
N PRO A 220 -9.15 9.20 14.15
CA PRO A 220 -9.87 10.47 14.40
C PRO A 220 -9.03 11.74 14.31
N GLU A 221 -7.78 11.72 14.80
CA GLU A 221 -6.90 12.90 14.75
C GLU A 221 -6.49 13.29 13.30
N SER A 222 -6.41 12.31 12.39
CA SER A 222 -6.10 12.59 10.98
C SER A 222 -7.32 13.18 10.25
N ILE A 223 -8.54 12.69 10.51
CA ILE A 223 -9.77 13.24 9.88
C ILE A 223 -10.00 14.69 10.39
N LEU A 224 -9.84 14.92 11.71
CA LEU A 224 -10.05 16.21 12.38
C LEU A 224 -8.97 17.25 12.10
N TYR A 225 -7.67 16.88 12.25
CA TYR A 225 -6.58 17.86 12.07
C TYR A 225 -5.75 17.68 10.82
N ARG A 226 -6.06 16.67 9.99
CA ARG A 226 -5.33 16.35 8.78
C ARG A 226 -3.83 16.24 9.01
N LYS A 227 -3.47 15.58 10.13
CA LYS A 227 -2.12 15.30 10.61
C LYS A 227 -1.86 13.79 10.45
N PHE A 228 -0.76 13.44 9.76
CA PHE A 228 -0.37 12.04 9.53
C PHE A 228 0.95 11.76 10.23
N THR A 229 1.01 10.66 10.99
CA THR A 229 2.18 10.26 11.77
C THR A 229 2.39 8.76 11.65
N THR A 230 3.43 8.23 12.31
CA THR A 230 3.66 6.78 12.40
C THR A 230 2.48 6.16 13.17
N GLU A 231 1.83 6.93 14.09
CA GLU A 231 0.66 6.45 14.83
C GLU A 231 -0.59 6.37 13.93
N SER A 232 -0.77 7.32 13.01
CA SER A 232 -1.95 7.19 12.13
C SER A 232 -1.69 6.05 11.13
N ASP A 233 -0.41 5.76 10.81
CA ASP A 233 -0.08 4.63 9.94
C ASP A 233 -0.40 3.30 10.64
N VAL A 234 -0.17 3.22 11.98
CA VAL A 234 -0.46 1.99 12.71
C VAL A 234 -1.99 1.76 12.75
N TRP A 235 -2.77 2.85 12.88
CA TRP A 235 -4.23 2.73 12.84
C TRP A 235 -4.63 2.16 11.47
N SER A 236 -4.11 2.73 10.38
CA SER A 236 -4.45 2.25 9.01
C SER A 236 -4.02 0.81 8.85
N PHE A 237 -2.90 0.40 9.51
CA PHE A 237 -2.48 -1.00 9.44
C PHE A 237 -3.54 -1.92 10.09
N GLY A 238 -4.17 -1.44 11.16
CA GLY A 238 -5.26 -2.19 11.78
C GLY A 238 -6.41 -2.38 10.82
N VAL A 239 -6.72 -1.36 10.03
CA VAL A 239 -7.77 -1.40 8.99
C VAL A 239 -7.32 -2.36 7.86
N VAL A 240 -6.00 -2.40 7.55
CA VAL A 240 -5.44 -3.36 6.55
C VAL A 240 -5.69 -4.80 7.03
N LEU A 241 -5.48 -5.07 8.35
CA LEU A 241 -5.74 -6.39 8.89
C LEU A 241 -7.21 -6.74 8.66
N TRP A 242 -8.12 -5.78 8.87
CA TRP A 242 -9.55 -6.02 8.69
C TRP A 242 -9.84 -6.31 7.20
N GLU A 243 -9.23 -5.55 6.26
CA GLU A 243 -9.37 -5.86 4.81
C GLU A 243 -8.88 -7.25 4.49
N ILE A 244 -7.71 -7.63 5.03
CA ILE A 244 -7.13 -8.97 4.82
C ILE A 244 -8.14 -10.04 5.24
N PHE A 245 -8.65 -9.95 6.48
CA PHE A 245 -9.52 -11.00 7.03
C PHE A 245 -10.98 -10.93 6.55
N THR A 246 -11.33 -9.97 5.68
CA THR A 246 -12.67 -9.94 5.06
C THR A 246 -12.48 -10.21 3.59
N TYR A 247 -11.27 -10.57 3.17
CA TYR A 247 -10.93 -10.81 1.77
C TYR A 247 -11.19 -9.56 0.89
N GLY A 248 -10.78 -8.40 1.39
CA GLY A 248 -10.83 -7.18 0.60
C GLY A 248 -12.08 -6.34 0.63
N LYS A 249 -12.98 -6.53 1.62
CA LYS A 249 -14.17 -5.71 1.72
C LYS A 249 -13.79 -4.30 2.14
N GLN A 250 -14.62 -3.34 1.77
CA GLN A 250 -14.46 -1.92 2.09
C GLN A 250 -14.81 -1.70 3.56
N PRO A 251 -13.91 -1.10 4.38
CA PRO A 251 -14.26 -0.81 5.79
C PRO A 251 -15.51 0.07 5.85
N TRP A 252 -16.45 -0.21 6.78
CA TRP A 252 -17.69 0.60 6.92
C TRP A 252 -18.55 0.60 5.61
N TYR A 253 -18.48 -0.50 4.80
CA TYR A 253 -19.19 -0.58 3.52
C TYR A 253 -20.69 -0.27 3.61
N GLN A 254 -21.33 -0.50 4.75
CA GLN A 254 -22.76 -0.21 4.93
C GLN A 254 -23.05 1.31 5.00
N LEU A 255 -22.00 2.13 5.16
CA LEU A 255 -22.13 3.59 5.37
C LEU A 255 -21.62 4.48 4.27
N SER A 256 -22.22 5.69 4.15
CA SER A 256 -21.71 6.67 3.18
C SER A 256 -20.43 7.28 3.80
N ASN A 257 -19.68 8.08 3.01
CA ASN A 257 -18.46 8.74 3.49
C ASN A 257 -18.70 9.57 4.72
N THR A 258 -19.76 10.40 4.71
CA THR A 258 -20.09 11.29 5.85
C THR A 258 -20.52 10.49 7.07
N GLU A 259 -21.24 9.37 6.89
CA GLU A 259 -21.64 8.53 8.01
C GLU A 259 -20.41 7.81 8.57
N ALA A 260 -19.45 7.42 7.71
CA ALA A 260 -18.21 6.75 8.17
C ALA A 260 -17.37 7.72 9.06
N ILE A 261 -17.24 9.01 8.67
CA ILE A 261 -16.53 10.06 9.45
C ILE A 261 -17.11 10.13 10.86
N ASP A 262 -18.46 10.19 10.96
CA ASP A 262 -19.16 10.22 12.25
C ASP A 262 -18.82 9.02 13.10
N CYS A 263 -18.90 7.79 12.55
CA CYS A 263 -18.55 6.55 13.27
C CYS A 263 -17.15 6.64 13.83
N ILE A 264 -16.18 6.92 12.96
CA ILE A 264 -14.78 7.00 13.37
C ILE A 264 -14.56 8.06 14.44
N THR A 265 -15.06 9.29 14.24
CA THR A 265 -14.87 10.36 15.24
C THR A 265 -15.64 10.06 16.54
N GLN A 266 -16.76 9.31 16.49
CA GLN A 266 -17.49 8.89 17.69
C GLN A 266 -16.82 7.73 18.44
N GLY A 267 -15.84 7.07 17.81
CA GLY A 267 -15.10 6.00 18.44
C GLY A 267 -15.64 4.60 18.24
N ARG A 268 -16.50 4.41 17.23
CA ARG A 268 -17.05 3.08 16.92
C ARG A 268 -15.95 2.20 16.25
N GLU A 269 -15.93 0.89 16.52
CA GLU A 269 -14.92 -0.01 15.94
C GLU A 269 -15.55 -0.96 14.95
N LEU A 270 -14.75 -1.37 13.93
CA LEU A 270 -15.13 -2.36 12.92
C LEU A 270 -15.31 -3.67 13.64
N GLU A 271 -16.31 -4.44 13.24
CA GLU A 271 -16.62 -5.73 13.85
C GLU A 271 -15.57 -6.78 13.46
N ARG A 272 -15.42 -7.83 14.30
CA ARG A 272 -14.46 -8.90 14.04
C ARG A 272 -14.91 -9.71 12.80
N PRO A 273 -14.08 -9.78 11.74
CA PRO A 273 -14.46 -10.61 10.56
C PRO A 273 -14.55 -12.07 10.95
N ARG A 274 -15.43 -12.84 10.29
CA ARG A 274 -15.61 -14.27 10.56
C ARG A 274 -14.31 -15.09 10.38
N ALA A 275 -13.44 -14.72 9.40
CA ALA A 275 -12.21 -15.49 9.19
C ALA A 275 -11.12 -15.08 10.19
N CYS A 276 -11.40 -14.04 10.98
CA CYS A 276 -10.42 -13.46 11.92
C CYS A 276 -10.42 -14.13 13.27
N PRO A 277 -9.31 -14.81 13.68
CA PRO A 277 -9.27 -15.39 15.02
C PRO A 277 -9.27 -14.28 16.08
N PRO A 278 -9.86 -14.50 17.29
CA PRO A 278 -9.82 -13.48 18.34
C PRO A 278 -8.41 -12.90 18.60
N GLU A 279 -7.35 -13.72 18.48
CA GLU A 279 -5.95 -13.32 18.66
C GLU A 279 -5.52 -12.21 17.68
N VAL A 280 -6.02 -12.23 16.42
CA VAL A 280 -5.73 -11.20 15.41
C VAL A 280 -6.62 -9.97 15.67
N TYR A 281 -7.87 -10.20 16.08
CA TYR A 281 -8.75 -9.08 16.41
C TYR A 281 -8.20 -8.27 17.59
N ALA A 282 -7.53 -8.93 18.55
CA ALA A 282 -6.87 -8.22 19.69
C ALA A 282 -5.77 -7.27 19.13
N ILE A 283 -4.99 -7.74 18.13
CA ILE A 283 -3.97 -6.92 17.47
C ILE A 283 -4.63 -5.69 16.78
N MET A 284 -5.72 -5.91 16.02
CA MET A 284 -6.47 -4.84 15.36
C MET A 284 -6.91 -3.78 16.37
N ARG A 285 -7.46 -4.20 17.50
CA ARG A 285 -7.97 -3.31 18.55
C ARG A 285 -6.87 -2.50 19.19
N GLY A 286 -5.67 -3.07 19.31
CA GLY A 286 -4.48 -2.34 19.78
C GLY A 286 -4.02 -1.24 18.82
N CYS A 287 -4.34 -1.40 17.51
CA CYS A 287 -3.99 -0.40 16.48
C CYS A 287 -5.00 0.74 16.53
N TRP A 288 -6.24 0.43 16.95
CA TRP A 288 -7.36 1.38 16.97
C TRP A 288 -7.58 2.11 18.28
N GLN A 289 -6.54 2.28 19.12
CA GLN A 289 -6.72 3.06 20.37
C GLN A 289 -6.98 4.51 19.95
N ARG A 290 -8.01 5.13 20.54
CA ARG A 290 -8.39 6.50 20.18
C ARG A 290 -7.23 7.48 20.34
N GLU A 291 -6.48 7.37 21.43
CA GLU A 291 -5.32 8.23 21.68
C GLU A 291 -4.12 7.67 20.89
N PRO A 292 -3.54 8.45 19.94
CA PRO A 292 -2.38 7.94 19.16
C PRO A 292 -1.26 7.36 20.01
N GLN A 293 -0.98 7.96 21.20
CA GLN A 293 0.08 7.50 22.11
C GLN A 293 -0.19 6.14 22.73
N GLN A 294 -1.45 5.72 22.76
CA GLN A 294 -1.81 4.44 23.34
C GLN A 294 -1.80 3.30 22.31
N ARG A 295 -1.53 3.61 21.03
CA ARG A 295 -1.51 2.52 20.04
C ARG A 295 -0.21 1.74 20.15
N HIS A 296 -0.23 0.45 19.76
CA HIS A 296 0.98 -0.38 19.70
C HIS A 296 1.91 0.17 18.64
N SER A 297 3.21 -0.03 18.82
CA SER A 297 4.23 0.31 17.82
C SER A 297 4.11 -0.74 16.71
N ILE A 298 4.48 -0.38 15.49
CA ILE A 298 4.44 -1.35 14.40
C ILE A 298 5.39 -2.53 14.66
N LYS A 299 6.54 -2.32 15.36
CA LYS A 299 7.50 -3.39 15.68
C LYS A 299 6.87 -4.44 16.55
N ASP A 300 6.04 -4.02 17.53
CA ASP A 300 5.31 -4.93 18.41
C ASP A 300 4.23 -5.67 17.59
N VAL A 301 3.51 -4.95 16.71
CA VAL A 301 2.47 -5.54 15.85
C VAL A 301 3.13 -6.60 14.92
N HIS A 302 4.27 -6.28 14.30
CA HIS A 302 4.97 -7.21 13.43
C HIS A 302 5.40 -8.46 14.20
N ALA A 303 6.03 -8.30 15.37
CA ALA A 303 6.48 -9.46 16.18
C ALA A 303 5.32 -10.38 16.55
N ARG A 304 4.17 -9.83 16.92
CA ARG A 304 2.99 -10.64 17.24
C ARG A 304 2.46 -11.39 16.01
N LEU A 305 2.38 -10.71 14.83
CA LEU A 305 1.90 -11.35 13.58
C LEU A 305 2.89 -12.39 13.05
N GLN A 306 4.18 -12.12 13.22
CA GLN A 306 5.21 -13.07 12.75
C GLN A 306 5.09 -14.38 13.56
N ALA A 307 4.87 -14.28 14.89
CA ALA A 307 4.67 -15.44 15.77
C ALA A 307 3.43 -16.25 15.35
N LEU A 308 2.31 -15.55 15.07
CA LEU A 308 1.10 -16.24 14.62
C LEU A 308 1.28 -16.86 13.23
N ALA A 309 2.02 -16.20 12.31
CA ALA A 309 2.20 -16.75 10.96
C ALA A 309 3.03 -18.05 10.99
N GLN A 310 3.99 -18.16 11.93
CA GLN A 310 4.81 -19.37 12.06
C GLN A 310 4.10 -20.46 12.86
N ALA A 311 3.13 -20.10 13.72
CA ALA A 311 2.34 -21.04 14.53
C ALA A 311 0.83 -20.62 14.51
N PRO A 312 0.09 -20.86 13.39
CA PRO A 312 -1.28 -20.36 13.31
C PRO A 312 -2.21 -20.85 14.42
N PRO A 313 -3.07 -19.98 15.02
CA PRO A 313 -3.99 -20.49 16.05
C PRO A 313 -4.96 -21.48 15.42
N VAL A 314 -5.44 -22.47 16.19
CA VAL A 314 -6.39 -23.44 15.69
C VAL A 314 -7.73 -22.74 15.77
N TYR A 315 -8.14 -22.18 14.63
CA TYR A 315 -9.38 -21.43 14.53
C TYR A 315 -10.07 -21.86 13.26
N LEU A 316 -11.31 -22.28 13.41
CA LEU A 316 -12.15 -22.71 12.31
C LEU A 316 -13.23 -21.65 12.21
N ASP A 317 -13.18 -20.88 11.12
CA ASP A 317 -14.11 -19.77 10.86
C ASP A 317 -15.58 -20.17 10.89
N VAL A 318 -15.88 -21.43 10.53
CA VAL A 318 -17.24 -21.99 10.53
C VAL A 318 -17.79 -22.03 11.98
N LEU A 319 -16.92 -22.34 12.95
CA LEU A 319 -17.29 -22.44 14.36
C LEU A 319 -17.31 -21.10 15.10
N GLY A 320 -17.10 -20.01 14.34
CA GLY A 320 -17.09 -18.64 14.85
C GLY A 320 -15.94 -18.33 15.77
C1 FQD B . -2.78 -2.12 -26.08
C2 FQD B . -2.93 -2.40 -27.38
C6 FQD B . -6.57 -2.78 -24.47
C10 FQD B . 0.89 -1.40 -25.56
F FQD B . 1.96 0.27 -24.31
C9 FQD B . 0.80 -0.32 -24.72
C7 FQD B . -0.28 -2.01 -25.97
C11 FQD B . -0.38 0.18 -24.27
C8 FQD B . -1.56 -0.43 -24.69
C5 FQD B . -1.52 -1.52 -25.54
C FQD B . -4.04 -2.31 -25.34
C4 FQD B . -4.41 -2.20 -23.95
O FQD B . -3.47 -1.93 -23.04
N1 FQD B . -5.73 -2.42 -23.51
N FQD B . -6.34 -2.95 -25.78
C3 FQD B . -5.08 -2.70 -26.18
S FQD B . -4.54 -2.85 -27.79
C1 FQG C . -0.46 9.82 -4.81
N1 FQG C . -0.45 10.72 -5.85
O1 FQG C . -1.40 9.64 -4.05
CL1 FQG C . 3.65 6.42 0.66
C2 FQG C . 3.79 6.87 -2.38
N2 FQG C . 2.98 6.54 -3.43
O2 FQG C . 3.97 8.01 -1.96
CL2 FQG C . 6.69 2.18 -0.12
C3 FQG C . 5.91 3.53 -0.85
N3 FQG C . 6.04 2.62 -4.29
O3 FQG C . -1.48 12.86 -4.27
C4 FQG C . 5.23 4.37 0.01
N4 FQG C . 2.57 8.08 -5.25
C5 FQG C . 4.55 5.47 -0.46
N5 FQG C . 1.67 9.01 -5.67
C6 FQG C . 4.53 5.71 -1.83
C7 FQG C . 5.23 4.87 -2.68
C8 FQG C . 5.95 3.77 -2.21
C9 FQG C . 6.68 2.91 -3.15
C10 FQG C . 6.66 1.86 -5.20
C11 FQG C . 7.96 1.40 -5.06
C12 FQG C . 8.62 1.71 -3.90
C13 FQG C . 7.98 2.47 -2.94
C14 FQG C . 3.69 7.78 -6.03
C15 FQG C . 2.23 7.50 -4.06
C16 FQG C . 4.02 6.48 -6.31
C17 FQG C . 4.46 8.83 -6.50
C18 FQG C . 0.72 8.99 -4.72
C19 FQG C . 1.03 8.07 -3.70
C20 FQG C . 5.13 6.19 -7.06
C21 FQG C . 5.57 8.54 -7.28
C22 FQG C . 5.90 7.23 -7.56
C23 FQG C . -1.65 11.48 -6.20
C24 FQG C . -1.55 12.89 -5.69
C25 FQG C . -2.78 13.66 -6.11
C26 FQG C . -0.32 13.57 -6.25
H22 FQG C . 0.36 10.80 -6.44
H21 FQG C . 2.88 5.58 -3.73
H23 FQG C . -1.20 13.74 -3.97
H10 FQG C . 5.22 4.15 1.07
H9 FQG C . 5.24 5.09 -3.74
H12 FQG C . 6.10 1.64 -6.10
H5 FQG C . 8.42 0.80 -5.83
H4 FQG C . 9.63 1.37 -3.74
H8 FQG C . 8.52 2.73 -2.03
H6 FQG C . 3.40 5.68 -5.94
H7 FQG C . 4.20 9.86 -6.27
H11 FQG C . 0.47 7.86 -2.81
H2 FQG C . 5.38 5.16 -7.29
H3 FQG C . 6.18 9.34 -7.66
H1 FQG C . 6.77 7.01 -8.15
H19 FQG C . -2.54 10.98 -5.81
H20 FQG C . -1.71 11.47 -7.29
H15 FQG C . -2.98 13.52 -7.18
H14 FQG C . -2.65 14.73 -5.92
H13 FQG C . -3.64 13.31 -5.54
H18 FQG C . -0.26 13.42 -7.34
H16 FQG C . 0.59 13.16 -5.80
H17 FQG C . -0.34 14.64 -6.06
#